data_6HRL
#
_entry.id   6HRL
#
_cell.length_a   67.353
_cell.length_b   118.774
_cell.length_c   124.991
_cell.angle_alpha   90.000
_cell.angle_beta   90.000
_cell.angle_gamma   90.000
#
_symmetry.space_group_name_H-M   'P 21 21 21'
#
loop_
_entity.id
_entity.type
_entity.pdbx_description
1 polymer 'Kelch-like protein 17'
2 non-polymer 'SULFATE ION'
3 non-polymer 'CHLORIDE ION'
4 non-polymer 'SODIUM ION'
5 non-polymer 1,2-ETHANEDIOL
6 water water
#
_entity_poly.entity_id   1
_entity_poly.type   'polypeptide(L)'
_entity_poly.pdbx_seq_one_letter_code
;GAGPVLFAVGGGSLFAIHGDCEAYDTRTDRWHVVASMSTRRARVGVAAVGNRLYAVGGYDGTSDLATVESYDPVTNTWQP
EVSMGTRRSCLGVAALHGLLYSAGGYDGASCLNSAERYDPLTGTWTSVAAMSTRRRYVRVATLDGNLYAVGGYDSSSHLA
TVEKYEPQVNVWSPVASMLSRRSSAGVAVLEGALYVAGGNDGTSCLNSVERYSPKAGAWESVAPMNIRRSTHDLVAMDGW
LYAVGGNDGSSSLNSIEKYNPRTNKWVAASCMFTRRSSVGVAVLELL
;
_entity_poly.pdbx_strand_id   A,B
#
loop_
_chem_comp.id
_chem_comp.type
_chem_comp.name
_chem_comp.formula
CL non-polymer 'CHLORIDE ION' 'Cl -1'
EDO non-polymer 1,2-ETHANEDIOL 'C2 H6 O2'
NA non-polymer 'SODIUM ION' 'Na 1'
SO4 non-polymer 'SULFATE ION' 'O4 S -2'
#
# COMPACT_ATOMS: atom_id res chain seq x y z
CA GLY A 1 -23.33 -1.25 -36.38
C GLY A 1 -22.04 -1.66 -35.70
N ALA A 2 -21.14 -0.71 -35.44
CA ALA A 2 -19.94 -0.97 -34.66
C ALA A 2 -20.21 -0.69 -33.19
N GLY A 3 -19.68 -1.54 -32.32
CA GLY A 3 -19.94 -1.45 -30.90
C GLY A 3 -18.74 -1.04 -30.09
N PRO A 4 -18.96 -0.72 -28.81
CA PRO A 4 -17.84 -0.31 -27.95
C PRO A 4 -17.04 -1.52 -27.48
N VAL A 5 -15.72 -1.34 -27.45
CA VAL A 5 -14.77 -2.34 -26.99
C VAL A 5 -13.85 -1.67 -25.98
N LEU A 6 -13.71 -2.27 -24.80
CA LEU A 6 -12.93 -1.67 -23.72
C LEU A 6 -11.48 -2.13 -23.77
N PHE A 7 -10.55 -1.20 -23.59
CA PHE A 7 -9.12 -1.51 -23.67
C PHE A 7 -8.46 -1.16 -22.35
N ALA A 8 -7.85 -2.18 -21.73
CA ALA A 8 -7.04 -2.06 -20.53
C ALA A 8 -5.58 -2.13 -20.93
N VAL A 9 -4.86 -1.05 -20.70
CA VAL A 9 -3.50 -0.83 -21.19
C VAL A 9 -2.57 -0.66 -20.00
N GLY A 10 -1.47 -1.41 -20.00
CA GLY A 10 -0.43 -1.25 -19.00
C GLY A 10 -0.95 -1.50 -17.60
N GLY A 11 -0.49 -0.67 -16.67
CA GLY A 11 -0.75 -0.87 -15.26
C GLY A 11 0.41 -1.59 -14.57
N GLY A 12 0.19 -1.92 -13.30
CA GLY A 12 1.20 -2.60 -12.52
C GLY A 12 0.57 -3.63 -11.60
N SER A 13 1.43 -4.49 -11.07
CA SER A 13 1.04 -5.40 -10.00
C SER A 13 2.19 -5.45 -8.99
N LEU A 14 2.09 -6.34 -8.02
CA LEU A 14 3.13 -6.44 -7.00
C LEU A 14 4.49 -6.60 -7.66
N PHE A 15 5.37 -5.61 -7.52
CA PHE A 15 6.72 -5.67 -8.07
C PHE A 15 6.71 -5.82 -9.59
N ALA A 16 5.67 -5.34 -10.26
CA ALA A 16 5.57 -5.53 -11.70
C ALA A 16 5.02 -4.29 -12.38
N ILE A 17 5.50 -4.03 -13.59
CA ILE A 17 4.98 -3.00 -14.48
C ILE A 17 4.69 -3.66 -15.82
N HIS A 18 3.44 -3.55 -16.29
CA HIS A 18 3.00 -4.26 -17.48
C HIS A 18 3.16 -3.43 -18.73
N GLY A 19 3.42 -4.13 -19.83
CA GLY A 19 3.33 -3.55 -21.16
C GLY A 19 2.20 -4.17 -21.96
N ASP A 20 1.69 -5.31 -21.48
CA ASP A 20 0.64 -6.00 -22.19
C ASP A 20 -0.67 -5.23 -22.11
N CYS A 21 -1.62 -5.62 -22.96
CA CYS A 21 -2.92 -4.98 -23.03
C CYS A 21 -3.98 -6.03 -23.31
N GLU A 22 -5.22 -5.71 -22.94
CA GLU A 22 -6.31 -6.62 -23.24
C GLU A 22 -7.57 -5.81 -23.53
N ALA A 23 -8.48 -6.44 -24.27
CA ALA A 23 -9.70 -5.79 -24.74
C ALA A 23 -10.91 -6.62 -24.35
N TYR A 24 -11.96 -5.93 -23.95
CA TYR A 24 -13.18 -6.54 -23.45
C TYR A 24 -14.29 -6.31 -24.45
N ASP A 25 -14.93 -7.39 -24.85
CA ASP A 25 -16.03 -7.36 -25.80
C ASP A 25 -17.33 -7.37 -25.02
N THR A 26 -18.07 -6.27 -25.09
CA THR A 26 -19.30 -6.17 -24.33
C THR A 26 -20.32 -7.22 -24.76
N ARG A 27 -20.31 -7.59 -26.05
CA ARG A 27 -21.28 -8.55 -26.53
C ARG A 27 -21.10 -9.92 -25.88
N THR A 28 -19.85 -10.39 -25.75
CA THR A 28 -19.58 -11.73 -25.25
C THR A 28 -19.11 -11.78 -23.80
N ASP A 29 -18.97 -10.64 -23.14
CA ASP A 29 -18.42 -10.60 -21.79
C ASP A 29 -17.12 -11.41 -21.72
N ARG A 30 -16.24 -11.18 -22.70
CA ARG A 30 -14.99 -11.92 -22.84
C ARG A 30 -13.83 -10.97 -23.06
N TRP A 31 -12.68 -11.30 -22.49
CA TRP A 31 -11.45 -10.54 -22.70
C TRP A 31 -10.56 -11.23 -23.72
N HIS A 32 -9.76 -10.43 -24.42
CA HIS A 32 -8.87 -10.89 -25.48
C HIS A 32 -7.55 -10.17 -25.34
N VAL A 33 -6.45 -10.88 -25.47
CA VAL A 33 -5.14 -10.24 -25.38
C VAL A 33 -4.88 -9.47 -26.67
N VAL A 34 -4.37 -8.25 -26.53
CA VAL A 34 -4.06 -7.44 -27.72
C VAL A 34 -2.58 -7.09 -27.72
N ALA A 35 -2.16 -6.30 -28.69
CA ALA A 35 -0.74 -6.00 -28.83
C ALA A 35 -0.20 -5.33 -27.58
N SER A 36 1.02 -5.71 -27.21
CA SER A 36 1.73 -5.06 -26.12
C SER A 36 2.40 -3.78 -26.59
N MET A 37 2.53 -2.82 -25.68
CA MET A 37 3.25 -1.59 -25.98
C MET A 37 4.75 -1.83 -26.07
N SER A 38 5.43 -0.87 -26.68
CA SER A 38 6.88 -0.92 -26.71
C SER A 38 7.48 -0.67 -25.33
N THR A 39 6.81 0.15 -24.52
CA THR A 39 7.29 0.53 -23.20
C THR A 39 6.37 -0.03 -22.14
N ARG A 40 6.95 -0.54 -21.07
CA ARG A 40 6.16 -0.78 -19.86
C ARG A 40 5.72 0.55 -19.26
N ARG A 41 4.42 0.68 -19.01
CA ARG A 41 3.84 1.94 -18.54
C ARG A 41 2.76 1.63 -17.51
N ALA A 42 3.02 1.99 -16.26
CA ALA A 42 1.99 2.07 -15.24
C ALA A 42 1.78 3.54 -14.88
N ARG A 43 0.62 3.85 -14.32
CA ARG A 43 0.28 5.24 -14.05
C ARG A 43 0.32 6.05 -15.35
N VAL A 44 -0.22 5.46 -16.41
CA VAL A 44 -0.18 6.00 -17.76
C VAL A 44 -1.52 6.64 -18.07
N GLY A 45 -1.49 7.72 -18.86
CA GLY A 45 -2.72 8.32 -19.37
C GLY A 45 -3.11 7.64 -20.67
N VAL A 46 -4.38 7.26 -20.78
CA VAL A 46 -4.87 6.59 -21.98
C VAL A 46 -6.11 7.32 -22.45
N ALA A 47 -6.10 7.76 -23.69
CA ALA A 47 -7.28 8.41 -24.24
C ALA A 47 -7.49 7.96 -25.68
N ALA A 48 -8.76 7.94 -26.10
CA ALA A 48 -9.12 7.59 -27.46
C ALA A 48 -9.36 8.86 -28.26
N VAL A 49 -8.66 8.98 -29.39
CA VAL A 49 -8.79 10.13 -30.28
C VAL A 49 -8.83 9.59 -31.70
N GLY A 50 -9.85 9.98 -32.46
CA GLY A 50 -10.00 9.43 -33.80
C GLY A 50 -10.06 7.92 -33.82
N ASN A 51 -10.74 7.33 -32.85
CA ASN A 51 -10.84 5.87 -32.72
C ASN A 51 -9.46 5.21 -32.77
N ARG A 52 -8.46 5.91 -32.25
CA ARG A 52 -7.13 5.37 -32.05
C ARG A 52 -6.79 5.53 -30.57
N LEU A 53 -6.04 4.58 -30.02
CA LEU A 53 -5.62 4.68 -28.61
C LEU A 53 -4.33 5.45 -28.47
N TYR A 54 -4.26 6.31 -27.45
CA TYR A 54 -3.02 7.01 -27.12
C TYR A 54 -2.64 6.69 -25.68
N ALA A 55 -1.45 6.12 -25.51
CA ALA A 55 -0.82 5.91 -24.21
C ALA A 55 0.24 6.98 -24.02
N VAL A 56 0.01 7.83 -23.01
CA VAL A 56 0.74 9.07 -22.77
C VAL A 56 1.47 8.96 -21.43
N GLY A 57 2.79 9.19 -21.46
CA GLY A 57 3.53 9.26 -20.22
C GLY A 57 3.57 7.93 -19.49
N GLY A 58 3.44 8.00 -18.17
CA GLY A 58 3.50 6.83 -17.31
C GLY A 58 4.83 6.67 -16.60
N TYR A 59 4.98 5.50 -15.99
CA TYR A 59 6.16 5.15 -15.21
C TYR A 59 6.56 3.72 -15.57
N ASP A 60 7.81 3.54 -15.97
CA ASP A 60 8.28 2.25 -16.48
C ASP A 60 9.06 1.46 -15.45
N GLY A 61 8.89 1.77 -14.17
CA GLY A 61 9.60 1.10 -13.11
C GLY A 61 10.88 1.78 -12.70
N THR A 62 11.44 2.63 -13.54
CA THR A 62 12.61 3.42 -13.21
C THR A 62 12.39 4.91 -13.42
N SER A 63 11.70 5.29 -14.50
CA SER A 63 11.59 6.67 -14.91
C SER A 63 10.13 7.05 -15.05
N ASP A 64 9.87 8.36 -14.91
CA ASP A 64 8.60 8.94 -15.33
C ASP A 64 8.72 9.34 -16.79
N LEU A 65 7.78 8.89 -17.61
CA LEU A 65 7.97 8.94 -19.04
C LEU A 65 7.40 10.22 -19.63
N ALA A 66 8.08 10.72 -20.66
CA ALA A 66 7.54 11.74 -21.53
C ALA A 66 7.06 11.17 -22.86
N THR A 67 7.41 9.91 -23.15
CA THR A 67 7.10 9.31 -24.43
C THR A 67 5.63 8.96 -24.56
N VAL A 68 5.19 8.85 -25.81
CA VAL A 68 3.83 8.51 -26.16
C VAL A 68 3.87 7.44 -27.22
N GLU A 69 2.87 6.55 -27.19
CA GLU A 69 2.67 5.62 -28.29
C GLU A 69 1.18 5.43 -28.54
N SER A 70 0.88 4.86 -29.70
CA SER A 70 -0.45 4.89 -30.27
C SER A 70 -0.85 3.51 -30.74
N TYR A 71 -2.13 3.19 -30.59
CA TYR A 71 -2.68 1.89 -30.94
C TYR A 71 -3.65 2.01 -32.10
N ASP A 72 -3.39 1.19 -33.13
CA ASP A 72 -4.26 1.03 -34.28
C ASP A 72 -5.01 -0.28 -34.13
N PRO A 73 -6.34 -0.23 -33.96
CA PRO A 73 -7.10 -1.48 -33.81
C PRO A 73 -7.27 -2.24 -35.10
N VAL A 74 -7.17 -1.56 -36.24
CA VAL A 74 -7.28 -2.24 -37.52
C VAL A 74 -6.15 -3.25 -37.67
N THR A 75 -4.91 -2.83 -37.39
CA THR A 75 -3.78 -3.74 -37.50
C THR A 75 -3.39 -4.36 -36.17
N ASN A 76 -3.99 -3.94 -35.06
CA ASN A 76 -3.64 -4.39 -33.70
C ASN A 76 -2.16 -4.13 -33.42
N THR A 77 -1.77 -2.85 -33.46
CA THR A 77 -0.36 -2.56 -33.26
C THR A 77 -0.17 -1.22 -32.58
N TRP A 78 1.01 -1.06 -31.97
CA TRP A 78 1.41 0.20 -31.37
C TRP A 78 2.53 0.81 -32.18
N GLN A 79 2.67 2.12 -32.08
CA GLN A 79 3.68 2.87 -32.82
C GLN A 79 4.11 4.06 -31.97
N PRO A 80 5.33 4.57 -32.14
CA PRO A 80 5.75 5.73 -31.36
C PRO A 80 5.06 7.00 -31.84
N GLU A 81 5.01 7.99 -30.94
CA GLU A 81 4.51 9.32 -31.27
C GLU A 81 5.47 10.35 -30.68
N VAL A 82 5.23 11.63 -30.96
CA VAL A 82 6.10 12.66 -30.40
C VAL A 82 5.89 12.72 -28.90
N SER A 83 6.99 12.88 -28.16
CA SER A 83 6.93 12.91 -26.71
C SER A 83 6.45 14.28 -26.24
N MET A 84 5.91 14.29 -25.03
CA MET A 84 5.48 15.52 -24.39
C MET A 84 6.69 16.39 -24.03
N GLY A 85 6.40 17.66 -23.72
CA GLY A 85 7.42 18.52 -23.17
C GLY A 85 7.89 18.13 -21.78
N THR A 86 7.02 17.52 -20.98
CA THR A 86 7.36 17.10 -19.62
C THR A 86 7.19 15.60 -19.43
N ARG A 87 8.02 15.04 -18.57
CA ARG A 87 7.77 13.70 -18.05
C ARG A 87 6.58 13.76 -17.11
N ARG A 88 5.65 12.80 -17.26
CA ARG A 88 4.42 12.81 -16.47
C ARG A 88 4.00 11.38 -16.18
N SER A 89 4.08 10.98 -14.92
CA SER A 89 3.31 9.85 -14.44
C SER A 89 2.13 10.39 -13.65
N CYS A 90 1.15 9.54 -13.40
CA CYS A 90 0.03 9.92 -12.54
C CYS A 90 -0.74 11.11 -13.09
N LEU A 91 -0.81 11.23 -14.41
CA LEU A 91 -1.44 12.38 -15.05
C LEU A 91 -2.89 12.09 -15.44
N GLY A 92 -3.57 13.14 -15.90
CA GLY A 92 -4.87 13.02 -16.52
C GLY A 92 -4.75 13.32 -17.99
N VAL A 93 -5.55 12.63 -18.80
CA VAL A 93 -5.46 12.69 -20.26
C VAL A 93 -6.88 12.62 -20.83
N ALA A 94 -7.20 13.51 -21.76
CA ALA A 94 -8.54 13.49 -22.34
C ALA A 94 -8.54 14.05 -23.76
N ALA A 95 -9.59 13.75 -24.50
CA ALA A 95 -9.78 14.28 -25.85
C ALA A 95 -10.80 15.41 -25.85
N LEU A 96 -10.47 16.49 -26.55
CA LEU A 96 -11.34 17.66 -26.59
C LEU A 96 -11.24 18.27 -27.97
N HIS A 97 -12.38 18.36 -28.67
CA HIS A 97 -12.44 18.83 -30.04
C HIS A 97 -11.33 18.24 -30.90
N GLY A 98 -11.07 16.95 -30.73
CA GLY A 98 -10.12 16.24 -31.57
C GLY A 98 -8.68 16.34 -31.15
N LEU A 99 -8.37 17.10 -30.09
CA LEU A 99 -7.01 17.27 -29.61
C LEU A 99 -6.85 16.48 -28.30
N LEU A 100 -5.61 16.04 -28.03
CA LEU A 100 -5.33 15.20 -26.87
C LEU A 100 -4.60 16.00 -25.78
N TYR A 101 -5.26 16.20 -24.64
CA TYR A 101 -4.71 16.98 -23.54
C TYR A 101 -4.09 16.09 -22.46
N SER A 102 -2.92 16.50 -21.96
CA SER A 102 -2.26 15.94 -20.78
C SER A 102 -2.18 17.03 -19.73
N ALA A 103 -2.73 16.75 -18.54
CA ALA A 103 -2.75 17.72 -17.44
C ALA A 103 -2.21 17.06 -16.16
N GLY A 104 -1.51 17.86 -15.36
CA GLY A 104 -0.99 17.46 -14.06
C GLY A 104 0.02 16.33 -14.17
N GLY A 105 0.13 15.55 -13.09
CA GLY A 105 1.06 14.45 -13.01
C GLY A 105 2.26 14.73 -12.13
N TYR A 106 3.30 13.91 -12.32
CA TYR A 106 4.53 13.96 -11.54
C TYR A 106 5.70 13.73 -12.50
N ASP A 107 6.71 14.60 -12.43
CA ASP A 107 7.83 14.54 -13.37
C ASP A 107 9.07 13.89 -12.78
N GLY A 108 8.96 13.32 -11.58
CA GLY A 108 10.09 12.74 -10.88
C GLY A 108 10.56 13.58 -9.71
N ALA A 109 10.15 14.84 -9.65
CA ALA A 109 10.52 15.68 -8.52
C ALA A 109 9.30 16.40 -7.96
N SER A 110 8.52 17.04 -8.83
CA SER A 110 7.39 17.85 -8.41
C SER A 110 6.06 17.31 -8.95
N CYS A 111 5.01 17.65 -8.22
CA CYS A 111 3.65 17.49 -8.70
C CYS A 111 3.36 18.62 -9.67
N LEU A 112 2.85 18.30 -10.84
CA LEU A 112 2.71 19.27 -11.90
C LEU A 112 1.34 19.92 -11.86
N ASN A 113 1.30 21.20 -12.19
CA ASN A 113 0.06 21.90 -12.51
C ASN A 113 -0.03 22.26 -13.98
N SER A 114 1.01 21.98 -14.75
CA SER A 114 1.05 22.35 -16.16
C SER A 114 0.20 21.40 -16.99
N ALA A 115 -0.07 21.82 -18.23
CA ALA A 115 -0.86 21.04 -19.17
C ALA A 115 -0.40 21.35 -20.58
N GLU A 116 -0.59 20.38 -21.48
CA GLU A 116 -0.22 20.54 -22.87
C GLU A 116 -1.18 19.72 -23.74
N ARG A 117 -1.14 19.96 -25.04
CA ARG A 117 -2.09 19.34 -25.95
C ARG A 117 -1.39 18.88 -27.22
N TYR A 118 -1.90 17.80 -27.78
CA TYR A 118 -1.32 17.16 -28.95
C TYR A 118 -2.31 17.26 -30.08
N ASP A 119 -1.82 17.71 -31.24
CA ASP A 119 -2.54 17.68 -32.49
C ASP A 119 -2.00 16.51 -33.29
N PRO A 120 -2.77 15.42 -33.43
CA PRO A 120 -2.27 14.24 -34.14
C PRO A 120 -2.09 14.44 -35.64
N LEU A 121 -2.84 15.35 -36.26
CA LEU A 121 -2.60 15.65 -37.67
C LEU A 121 -1.17 16.12 -37.88
N THR A 122 -0.71 17.10 -37.09
CA THR A 122 0.66 17.58 -37.20
C THR A 122 1.62 16.85 -36.27
N GLY A 123 1.11 16.04 -35.34
CA GLY A 123 1.98 15.37 -34.40
C GLY A 123 2.72 16.36 -33.52
N THR A 124 2.00 17.35 -32.97
CA THR A 124 2.68 18.43 -32.28
C THR A 124 2.04 18.72 -30.93
N TRP A 125 2.89 19.00 -29.94
CA TRP A 125 2.46 19.35 -28.59
C TRP A 125 2.63 20.85 -28.36
N THR A 126 1.61 21.48 -27.81
CA THR A 126 1.69 22.88 -27.41
C THR A 126 1.28 22.98 -25.95
N SER A 127 2.02 23.77 -25.18
CA SER A 127 1.60 24.05 -23.81
C SER A 127 0.26 24.77 -23.81
N VAL A 128 -0.47 24.63 -22.70
CA VAL A 128 -1.71 25.33 -22.48
C VAL A 128 -1.66 25.94 -21.08
N ALA A 129 -2.59 26.84 -20.80
CA ALA A 129 -2.67 27.44 -19.47
C ALA A 129 -2.56 26.37 -18.40
N ALA A 130 -1.81 26.67 -17.35
CA ALA A 130 -1.65 25.74 -16.24
C ALA A 130 -2.87 25.77 -15.32
N MET A 131 -3.09 24.67 -14.62
CA MET A 131 -4.13 24.64 -13.61
C MET A 131 -3.72 25.49 -12.41
N SER A 132 -4.72 25.93 -11.65
CA SER A 132 -4.46 26.67 -10.43
C SER A 132 -3.76 25.81 -9.40
N THR A 133 -3.85 24.49 -9.52
CA THR A 133 -3.39 23.57 -8.49
C THR A 133 -2.44 22.55 -9.09
N ARG A 134 -1.37 22.25 -8.36
CA ARG A 134 -0.57 21.08 -8.67
C ARG A 134 -1.44 19.85 -8.39
N ARG A 135 -1.54 18.94 -9.37
CA ARG A 135 -2.48 17.82 -9.26
C ARG A 135 -1.79 16.53 -9.71
N ARG A 136 -1.05 15.92 -8.79
CA ARG A 136 -0.61 14.56 -8.99
C ARG A 136 -1.77 13.61 -8.75
N TYR A 137 -1.78 12.50 -9.48
CA TYR A 137 -2.86 11.52 -9.39
C TYR A 137 -4.20 12.12 -9.81
N VAL A 138 -4.16 13.02 -10.76
CA VAL A 138 -5.35 13.67 -11.25
C VAL A 138 -6.00 12.79 -12.32
N ARG A 139 -7.31 12.97 -12.50
CA ARG A 139 -8.03 12.47 -13.66
C ARG A 139 -8.61 13.64 -14.43
N VAL A 140 -8.81 13.44 -15.73
CA VAL A 140 -9.30 14.48 -16.62
C VAL A 140 -10.38 13.89 -17.52
N ALA A 141 -11.49 14.60 -17.68
CA ALA A 141 -12.55 14.13 -18.57
C ALA A 141 -13.25 15.30 -19.24
N THR A 142 -13.74 15.08 -20.45
CA THR A 142 -14.37 16.14 -21.22
C THR A 142 -15.87 16.12 -20.98
N LEU A 143 -16.42 17.27 -20.63
CA LEU A 143 -17.86 17.42 -20.46
C LEU A 143 -18.28 18.76 -21.04
N ASP A 144 -19.25 18.71 -21.95
CA ASP A 144 -19.84 19.90 -22.54
C ASP A 144 -18.76 20.89 -22.99
N GLY A 145 -17.80 20.38 -23.75
CA GLY A 145 -16.77 21.20 -24.35
C GLY A 145 -15.74 21.76 -23.40
N ASN A 146 -15.69 21.31 -22.15
CA ASN A 146 -14.67 21.72 -21.20
C ASN A 146 -13.92 20.51 -20.68
N LEU A 147 -12.68 20.75 -20.26
CA LEU A 147 -11.91 19.72 -19.58
C LEU A 147 -12.15 19.83 -18.08
N TYR A 148 -12.41 18.72 -17.41
CA TYR A 148 -12.54 18.73 -15.96
C TYR A 148 -11.37 17.96 -15.37
N ALA A 149 -10.57 18.65 -14.55
CA ALA A 149 -9.48 18.07 -13.78
C ALA A 149 -9.99 17.86 -12.37
N VAL A 150 -9.93 16.61 -11.91
CA VAL A 150 -10.68 16.18 -10.74
C VAL A 150 -9.70 15.73 -9.67
N GLY A 151 -9.78 16.37 -8.50
CA GLY A 151 -9.03 15.94 -7.34
C GLY A 151 -7.54 15.87 -7.60
N GLY A 152 -6.91 14.88 -6.99
CA GLY A 152 -5.49 14.67 -7.11
C GLY A 152 -4.77 14.91 -5.80
N TYR A 153 -3.47 15.18 -5.92
CA TYR A 153 -2.61 15.37 -4.76
C TYR A 153 -1.59 16.46 -5.11
N ASP A 154 -1.70 17.62 -4.47
CA ASP A 154 -0.53 18.50 -4.52
C ASP A 154 0.55 17.86 -3.67
N SER A 155 1.69 18.52 -3.53
CA SER A 155 2.77 17.81 -2.86
C SER A 155 2.41 17.38 -1.42
N SER A 156 1.26 17.80 -0.87
CA SER A 156 1.00 17.60 0.55
C SER A 156 -0.43 17.21 0.92
N SER A 157 -1.45 17.61 0.18
CA SER A 157 -2.83 17.29 0.53
C SER A 157 -3.52 16.53 -0.58
N HIS A 158 -4.49 15.69 -0.19
CA HIS A 158 -5.42 15.11 -1.15
C HIS A 158 -6.54 16.10 -1.44
N LEU A 159 -6.88 16.25 -2.70
CA LEU A 159 -7.74 17.36 -3.12
C LEU A 159 -9.18 16.91 -3.31
N ALA A 160 -10.11 17.72 -2.83
CA ALA A 160 -11.51 17.62 -3.20
C ALA A 160 -11.90 18.62 -4.27
N THR A 161 -10.97 19.49 -4.64
CA THR A 161 -11.25 20.58 -5.56
C THR A 161 -11.21 20.10 -7.00
N VAL A 162 -11.90 20.84 -7.88
CA VAL A 162 -12.00 20.51 -9.29
C VAL A 162 -11.82 21.78 -10.09
N GLU A 163 -11.21 21.65 -11.28
CA GLU A 163 -11.11 22.77 -12.20
C GLU A 163 -11.64 22.37 -13.57
N LYS A 164 -11.98 23.37 -14.38
CA LYS A 164 -12.41 23.15 -15.75
C LYS A 164 -11.66 24.08 -16.68
N TYR A 165 -11.21 23.52 -17.79
CA TYR A 165 -10.46 24.24 -18.81
C TYR A 165 -11.42 24.62 -19.93
N GLU A 166 -11.55 25.93 -20.14
CA GLU A 166 -12.24 26.49 -21.30
C GLU A 166 -11.23 26.74 -22.41
N PRO A 167 -11.33 26.04 -23.55
CA PRO A 167 -10.34 26.22 -24.62
C PRO A 167 -10.62 27.42 -25.52
N GLN A 168 -11.85 27.91 -25.54
CA GLN A 168 -12.14 29.13 -26.31
C GLN A 168 -11.24 30.27 -25.84
N VAL A 169 -11.01 30.38 -24.53
CA VAL A 169 -10.18 31.43 -23.97
C VAL A 169 -8.86 30.91 -23.40
N ASN A 170 -8.68 29.59 -23.27
CA ASN A 170 -7.47 29.02 -22.71
C ASN A 170 -7.36 29.37 -21.22
N VAL A 171 -8.38 29.02 -20.43
CA VAL A 171 -8.42 29.43 -19.04
C VAL A 171 -8.99 28.32 -18.16
N TRP A 172 -8.35 28.06 -17.03
CA TRP A 172 -8.92 27.21 -15.99
C TRP A 172 -9.74 28.04 -15.01
N SER A 173 -10.86 27.46 -14.58
CA SER A 173 -11.79 28.07 -13.63
C SER A 173 -12.18 27.02 -12.61
N PRO A 174 -12.43 27.43 -11.37
CA PRO A 174 -12.83 26.47 -10.34
C PRO A 174 -14.20 25.87 -10.64
N VAL A 175 -14.38 24.64 -10.14
CA VAL A 175 -15.65 23.96 -10.18
C VAL A 175 -16.01 23.63 -8.75
N ALA A 176 -17.31 23.49 -8.48
CA ALA A 176 -17.74 23.08 -7.15
C ALA A 176 -16.90 21.90 -6.69
N SER A 177 -16.53 21.95 -5.41
CA SER A 177 -15.68 20.91 -4.86
C SER A 177 -16.49 19.64 -4.62
N MET A 178 -15.83 18.50 -4.78
CA MET A 178 -16.50 17.22 -4.55
C MET A 178 -16.85 17.03 -3.07
N LEU A 179 -17.73 16.07 -2.82
CA LEU A 179 -18.10 15.77 -1.44
C LEU A 179 -16.97 15.10 -0.69
N SER A 180 -16.00 14.53 -1.41
CA SER A 180 -14.87 13.84 -0.80
C SER A 180 -13.57 14.26 -1.46
N ARG A 181 -12.48 14.18 -0.69
CA ARG A 181 -11.14 14.29 -1.25
C ARG A 181 -10.80 12.98 -1.95
N ARG A 182 -10.26 13.08 -3.17
CA ARG A 182 -9.94 11.86 -3.92
C ARG A 182 -8.70 12.07 -4.77
N SER A 183 -7.74 11.16 -4.66
CA SER A 183 -6.67 10.97 -5.63
C SER A 183 -6.79 9.58 -6.22
N SER A 184 -6.26 9.42 -7.43
CA SER A 184 -6.31 8.14 -8.14
C SER A 184 -7.73 7.59 -8.20
N ALA A 185 -8.69 8.49 -8.40
CA ALA A 185 -10.06 8.06 -8.62
C ALA A 185 -10.28 7.69 -10.08
N GLY A 186 -11.41 7.05 -10.35
CA GLY A 186 -11.87 6.84 -11.72
C GLY A 186 -12.88 7.90 -12.09
N VAL A 187 -12.75 8.46 -13.29
CA VAL A 187 -13.63 9.53 -13.73
C VAL A 187 -14.16 9.24 -15.13
N ALA A 188 -15.45 9.49 -15.34
CA ALA A 188 -16.05 9.25 -16.65
C ALA A 188 -17.31 10.09 -16.78
N VAL A 189 -17.71 10.36 -18.02
CA VAL A 189 -18.92 11.11 -18.30
C VAL A 189 -19.99 10.15 -18.79
N LEU A 190 -21.19 10.28 -18.21
CA LEU A 190 -22.32 9.41 -18.54
C LEU A 190 -23.59 10.22 -18.55
N GLU A 191 -24.28 10.22 -19.70
CA GLU A 191 -25.56 10.90 -19.87
C GLU A 191 -25.51 12.30 -19.29
N GLY A 192 -24.44 13.02 -19.61
CA GLY A 192 -24.29 14.41 -19.23
C GLY A 192 -23.89 14.68 -17.80
N ALA A 193 -23.43 13.68 -17.07
CA ALA A 193 -22.96 13.88 -15.71
C ALA A 193 -21.55 13.36 -15.57
N LEU A 194 -20.76 14.01 -14.73
CA LEU A 194 -19.37 13.62 -14.50
C LEU A 194 -19.34 12.74 -13.25
N TYR A 195 -19.07 11.45 -13.44
CA TYR A 195 -18.99 10.49 -12.35
C TYR A 195 -17.55 10.36 -11.87
N VAL A 196 -17.37 10.37 -10.56
CA VAL A 196 -16.10 10.13 -9.91
C VAL A 196 -16.31 8.98 -8.93
N ALA A 197 -15.57 7.90 -9.12
CA ALA A 197 -15.73 6.67 -8.36
C ALA A 197 -14.41 6.29 -7.71
N GLY A 198 -14.49 5.80 -6.48
CA GLY A 198 -13.33 5.31 -5.78
C GLY A 198 -12.27 6.39 -5.55
N GLY A 199 -11.04 5.94 -5.39
CA GLY A 199 -9.92 6.81 -5.07
C GLY A 199 -9.51 6.67 -3.61
N ASN A 200 -8.43 7.38 -3.28
CA ASN A 200 -7.92 7.44 -1.92
C ASN A 200 -8.05 8.87 -1.42
N ASP A 201 -8.61 9.04 -0.22
CA ASP A 201 -8.85 10.36 0.33
C ASP A 201 -7.80 10.76 1.36
N GLY A 202 -6.72 10.00 1.48
CA GLY A 202 -5.71 10.26 2.46
C GLY A 202 -5.81 9.38 3.68
N THR A 203 -6.97 8.75 3.89
CA THR A 203 -7.21 7.88 5.03
C THR A 203 -7.47 6.44 4.62
N SER A 204 -8.39 6.21 3.70
CA SER A 204 -8.67 4.86 3.25
C SER A 204 -8.89 4.87 1.74
N CYS A 205 -9.01 3.67 1.19
CA CYS A 205 -9.44 3.48 -0.18
C CYS A 205 -10.95 3.62 -0.21
N LEU A 206 -11.46 4.33 -1.20
CA LEU A 206 -12.88 4.62 -1.23
C LEU A 206 -13.63 3.68 -2.18
N ASN A 207 -14.83 3.31 -1.77
CA ASN A 207 -15.79 2.69 -2.67
C ASN A 207 -16.94 3.63 -3.00
N SER A 208 -16.93 4.84 -2.46
CA SER A 208 -18.02 5.77 -2.73
C SER A 208 -17.89 6.36 -4.13
N VAL A 209 -19.03 6.85 -4.63
CA VAL A 209 -19.16 7.37 -5.98
C VAL A 209 -20.02 8.62 -5.90
N GLU A 210 -19.61 9.67 -6.60
CA GLU A 210 -20.44 10.87 -6.68
C GLU A 210 -20.51 11.31 -8.14
N ARG A 211 -21.43 12.22 -8.43
CA ARG A 211 -21.56 12.72 -9.80
C ARG A 211 -21.91 14.19 -9.78
N TYR A 212 -21.43 14.88 -10.82
CA TYR A 212 -21.54 16.32 -10.92
C TYR A 212 -22.40 16.68 -12.12
N SER A 213 -23.38 17.58 -11.90
CA SER A 213 -24.13 18.16 -12.99
C SER A 213 -23.67 19.58 -13.22
N PRO A 214 -23.21 19.91 -14.44
CA PRO A 214 -22.82 21.28 -14.78
C PRO A 214 -23.98 22.24 -14.87
N LYS A 215 -25.17 21.77 -15.22
CA LYS A 215 -26.30 22.69 -15.26
C LYS A 215 -26.52 23.31 -13.89
N ALA A 216 -26.49 22.48 -12.84
CA ALA A 216 -26.57 22.95 -11.47
C ALA A 216 -25.22 23.32 -10.88
N GLY A 217 -24.14 22.77 -11.41
CA GLY A 217 -22.87 22.95 -10.74
C GLY A 217 -22.89 22.28 -9.38
N ALA A 218 -23.51 21.12 -9.27
CA ALA A 218 -23.65 20.51 -7.96
C ALA A 218 -23.30 19.03 -8.02
N TRP A 219 -22.77 18.55 -6.89
CA TRP A 219 -22.38 17.16 -6.71
C TRP A 219 -23.45 16.42 -5.91
N GLU A 220 -23.63 15.14 -6.24
CA GLU A 220 -24.66 14.31 -5.66
C GLU A 220 -24.10 12.92 -5.44
N SER A 221 -24.39 12.32 -4.28
CA SER A 221 -23.87 10.99 -4.00
C SER A 221 -24.61 9.94 -4.82
N VAL A 222 -23.91 8.84 -5.10
CA VAL A 222 -24.49 7.73 -5.85
C VAL A 222 -24.03 6.43 -5.22
N ALA A 223 -24.72 5.35 -5.56
CA ALA A 223 -24.42 4.04 -5.00
C ALA A 223 -22.92 3.77 -5.04
N PRO A 224 -22.33 3.22 -3.99
CA PRO A 224 -20.89 2.95 -3.99
C PRO A 224 -20.55 1.68 -4.76
N MET A 225 -19.28 1.57 -5.14
CA MET A 225 -18.85 0.35 -5.79
C MET A 225 -18.90 -0.83 -4.82
N ASN A 226 -18.87 -2.03 -5.38
CA ASN A 226 -18.83 -3.23 -4.55
C ASN A 226 -17.44 -3.44 -3.93
N ILE A 227 -16.40 -3.00 -4.62
CA ILE A 227 -15.03 -3.15 -4.17
C ILE A 227 -14.40 -1.77 -4.09
N ARG A 228 -13.69 -1.51 -2.98
CA ARG A 228 -12.90 -0.29 -2.86
C ARG A 228 -11.81 -0.28 -3.92
N ARG A 229 -11.67 0.86 -4.61
CA ARG A 229 -10.74 1.00 -5.71
C ARG A 229 -10.04 2.35 -5.69
N SER A 230 -8.72 2.31 -5.82
CA SER A 230 -7.90 3.47 -6.10
C SER A 230 -7.00 3.12 -7.28
N THR A 231 -6.63 4.14 -8.06
CA THR A 231 -5.78 3.96 -9.24
C THR A 231 -6.43 3.10 -10.32
N HIS A 232 -7.67 2.69 -10.10
CA HIS A 232 -8.48 2.06 -11.13
C HIS A 232 -8.81 3.08 -12.22
N ASP A 233 -9.58 2.65 -13.22
CA ASP A 233 -10.08 3.60 -14.22
C ASP A 233 -11.58 3.41 -14.40
N LEU A 234 -12.23 4.46 -14.89
CA LEU A 234 -13.66 4.48 -15.11
C LEU A 234 -13.94 4.88 -16.55
N VAL A 235 -14.87 4.18 -17.20
CA VAL A 235 -15.16 4.46 -18.60
C VAL A 235 -16.66 4.27 -18.85
N ALA A 236 -17.17 5.01 -19.82
CA ALA A 236 -18.59 4.94 -20.16
C ALA A 236 -18.76 4.09 -21.40
N MET A 237 -19.65 3.11 -21.32
CA MET A 237 -19.78 2.10 -22.37
C MET A 237 -21.24 1.69 -22.49
N ASP A 238 -21.87 2.03 -23.61
CA ASP A 238 -23.20 1.53 -23.92
C ASP A 238 -24.18 1.75 -22.77
N GLY A 239 -24.17 2.97 -22.23
CA GLY A 239 -25.13 3.36 -21.22
C GLY A 239 -24.73 3.01 -19.80
N TRP A 240 -23.65 2.25 -19.62
CA TRP A 240 -23.18 1.83 -18.31
C TRP A 240 -21.84 2.48 -17.99
N LEU A 241 -21.48 2.44 -16.71
CA LEU A 241 -20.12 2.77 -16.29
C LEU A 241 -19.36 1.49 -16.03
N TYR A 242 -18.10 1.44 -16.42
CA TYR A 242 -17.24 0.30 -16.13
C TYR A 242 -16.05 0.79 -15.32
N ALA A 243 -15.89 0.24 -14.11
CA ALA A 243 -14.73 0.45 -13.26
C ALA A 243 -13.80 -0.74 -13.43
N VAL A 244 -12.57 -0.46 -13.86
CA VAL A 244 -11.61 -1.44 -14.33
C VAL A 244 -10.36 -1.37 -13.43
N GLY A 245 -9.91 -2.53 -12.96
CA GLY A 245 -8.64 -2.66 -12.28
C GLY A 245 -8.55 -1.85 -10.99
N GLY A 246 -7.35 -1.35 -10.73
CA GLY A 246 -7.07 -0.57 -9.55
C GLY A 246 -6.47 -1.40 -8.42
N ASN A 247 -6.63 -0.88 -7.20
CA ASN A 247 -6.12 -1.55 -6.02
C ASN A 247 -7.12 -1.35 -4.88
N ASP A 248 -7.40 -2.42 -4.15
CA ASP A 248 -8.29 -2.40 -3.00
C ASP A 248 -7.57 -2.04 -1.70
N GLY A 249 -6.32 -1.59 -1.79
CA GLY A 249 -5.49 -1.30 -0.65
C GLY A 249 -4.42 -2.34 -0.38
N SER A 250 -4.64 -3.58 -0.83
CA SER A 250 -3.63 -4.64 -0.70
C SER A 250 -3.33 -5.28 -2.05
N SER A 251 -4.31 -5.92 -2.69
CA SER A 251 -4.07 -6.65 -3.93
C SER A 251 -4.45 -5.82 -5.15
N SER A 252 -3.55 -5.81 -6.13
CA SER A 252 -3.89 -5.28 -7.45
C SER A 252 -5.05 -6.07 -8.04
N LEU A 253 -6.02 -5.35 -8.59
CA LEU A 253 -7.28 -5.94 -8.99
C LEU A 253 -7.26 -6.29 -10.47
N ASN A 254 -7.76 -7.49 -10.79
CA ASN A 254 -8.16 -7.82 -12.14
C ASN A 254 -9.68 -7.73 -12.30
N SER A 255 -10.35 -7.19 -11.29
CA SER A 255 -11.80 -7.16 -11.21
C SER A 255 -12.37 -6.01 -12.03
N ILE A 256 -13.63 -6.17 -12.41
CA ILE A 256 -14.37 -5.21 -13.22
C ILE A 256 -15.78 -5.14 -12.66
N GLU A 257 -16.32 -3.94 -12.50
CA GLU A 257 -17.72 -3.86 -12.16
C GLU A 257 -18.37 -2.76 -12.97
N LYS A 258 -19.68 -2.87 -13.18
CA LYS A 258 -20.39 -1.96 -14.05
C LYS A 258 -21.62 -1.43 -13.37
N TYR A 259 -21.90 -0.16 -13.66
CA TYR A 259 -22.89 0.64 -12.96
C TYR A 259 -24.02 0.95 -13.93
N ASN A 260 -25.24 0.55 -13.56
CA ASN A 260 -26.45 0.93 -14.24
C ASN A 260 -27.05 2.13 -13.53
N PRO A 261 -27.13 3.29 -14.19
CA PRO A 261 -27.72 4.48 -13.57
C PRO A 261 -29.23 4.44 -13.48
N ARG A 262 -29.90 3.55 -14.21
CA ARG A 262 -31.35 3.49 -14.10
C ARG A 262 -31.77 2.72 -12.87
N THR A 263 -30.93 1.79 -12.41
CA THR A 263 -31.14 1.07 -11.17
C THR A 263 -30.25 1.57 -10.05
N ASN A 264 -29.34 2.50 -10.33
CA ASN A 264 -28.35 2.99 -9.37
C ASN A 264 -27.65 1.81 -8.68
N LYS A 265 -27.09 0.91 -9.47
CA LYS A 265 -26.59 -0.34 -8.92
C LYS A 265 -25.32 -0.76 -9.63
N TRP A 266 -24.43 -1.42 -8.88
CA TRP A 266 -23.17 -1.95 -9.39
C TRP A 266 -23.21 -3.47 -9.42
N VAL A 267 -22.72 -4.06 -10.50
CA VAL A 267 -22.71 -5.52 -10.65
C VAL A 267 -21.38 -5.91 -11.28
N ALA A 268 -20.81 -7.02 -10.81
CA ALA A 268 -19.52 -7.46 -11.34
C ALA A 268 -19.64 -7.92 -12.78
N ALA A 269 -18.51 -7.86 -13.50
CA ALA A 269 -18.40 -8.34 -14.86
C ALA A 269 -17.20 -9.26 -14.96
N SER A 270 -16.99 -9.85 -16.13
CA SER A 270 -15.87 -10.76 -16.31
C SER A 270 -14.57 -10.01 -16.09
N CYS A 271 -13.66 -10.64 -15.34
CA CYS A 271 -12.42 -10.00 -14.94
C CYS A 271 -11.33 -10.19 -15.99
N MET A 272 -10.33 -9.31 -15.94
CA MET A 272 -9.24 -9.33 -16.89
C MET A 272 -8.35 -10.54 -16.67
N PHE A 273 -7.44 -10.77 -17.62
CA PHE A 273 -6.38 -11.75 -17.43
C PHE A 273 -5.38 -11.26 -16.39
N THR A 274 -4.96 -10.01 -16.51
CA THR A 274 -3.91 -9.44 -15.70
C THR A 274 -4.48 -8.53 -14.62
N ARG A 275 -3.82 -8.52 -13.46
CA ARG A 275 -4.09 -7.53 -12.43
C ARG A 275 -3.35 -6.24 -12.76
N ARG A 276 -4.08 -5.12 -12.78
CA ARG A 276 -3.49 -3.86 -13.22
C ARG A 276 -3.97 -2.73 -12.33
N SER A 277 -3.10 -2.25 -11.46
CA SER A 277 -3.32 -0.99 -10.76
C SER A 277 -2.66 0.13 -11.56
N SER A 278 -3.19 1.34 -11.40
CA SER A 278 -2.77 2.49 -12.20
C SER A 278 -2.78 2.12 -13.68
N VAL A 279 -3.91 1.60 -14.12
CA VAL A 279 -4.10 1.08 -15.46
C VAL A 279 -4.73 2.17 -16.32
N GLY A 280 -4.39 2.19 -17.60
CA GLY A 280 -5.06 3.08 -18.55
C GLY A 280 -6.23 2.36 -19.22
N VAL A 281 -7.32 3.07 -19.41
CA VAL A 281 -8.50 2.46 -20.02
C VAL A 281 -9.11 3.39 -21.05
N ALA A 282 -9.58 2.82 -22.15
CA ALA A 282 -10.31 3.63 -23.12
C ALA A 282 -11.23 2.74 -23.95
N VAL A 283 -12.16 3.37 -24.68
CA VAL A 283 -13.14 2.63 -25.45
C VAL A 283 -12.99 2.97 -26.92
N LEU A 284 -13.00 1.95 -27.76
CA LEU A 284 -13.02 2.13 -29.21
C LEU A 284 -14.34 1.62 -29.79
N GLU A 285 -14.71 2.16 -30.95
CA GLU A 285 -15.87 1.68 -31.71
C GLU A 285 -15.38 0.75 -32.80
N LEU A 286 -15.75 -0.53 -32.72
CA LEU A 286 -15.20 -1.54 -33.61
C LEU A 286 -16.27 -2.52 -34.07
N LEU A 287 -16.05 -3.09 -35.25
CA LEU A 287 -16.93 -4.12 -35.79
C LEU A 287 -16.18 -5.15 -36.65
N GLY B 1 -6.16 -14.82 -4.57
CA GLY B 1 -5.68 -14.99 -3.20
C GLY B 1 -4.32 -14.32 -2.99
N ALA B 2 -4.32 -13.30 -2.14
CA ALA B 2 -3.13 -12.47 -1.93
C ALA B 2 -2.08 -13.24 -1.15
N GLY B 3 -0.80 -13.01 -1.49
CA GLY B 3 0.26 -13.74 -0.85
C GLY B 3 1.02 -12.89 0.14
N PRO B 4 1.80 -13.52 1.01
CA PRO B 4 2.51 -12.77 2.05
C PRO B 4 3.79 -12.13 1.53
N VAL B 5 4.01 -10.89 1.96
CA VAL B 5 5.23 -10.17 1.66
C VAL B 5 5.78 -9.67 2.98
N LEU B 6 7.04 -9.98 3.23
CA LEU B 6 7.69 -9.67 4.49
C LEU B 6 8.34 -8.30 4.39
N PHE B 7 8.23 -7.50 5.43
CA PHE B 7 8.79 -6.16 5.43
C PHE B 7 9.74 -6.07 6.60
N ALA B 8 11.01 -5.78 6.29
CA ALA B 8 12.07 -5.53 7.26
C ALA B 8 12.31 -4.04 7.30
N VAL B 9 12.05 -3.43 8.45
CA VAL B 9 12.01 -1.99 8.63
C VAL B 9 13.11 -1.58 9.60
N GLY B 10 13.92 -0.61 9.18
CA GLY B 10 14.91 -0.01 10.05
C GLY B 10 15.90 -1.02 10.59
N GLY B 11 16.20 -0.89 11.87
CA GLY B 11 17.26 -1.65 12.50
C GLY B 11 18.55 -0.86 12.55
N GLY B 12 19.60 -1.54 13.00
CA GLY B 12 20.89 -0.90 13.12
C GLY B 12 22.04 -1.83 12.81
N SER B 13 23.22 -1.22 12.68
CA SER B 13 24.47 -1.97 12.65
C SER B 13 25.48 -1.24 13.54
N LEU B 14 26.73 -1.70 13.57
CA LEU B 14 27.71 -1.08 14.44
C LEU B 14 27.75 0.43 14.21
N PHE B 15 27.38 1.18 15.24
CA PHE B 15 27.39 2.64 15.20
C PHE B 15 26.46 3.20 14.13
N ALA B 16 25.42 2.46 13.74
CA ALA B 16 24.53 2.90 12.69
C ALA B 16 23.09 2.56 13.06
N ILE B 17 22.18 3.44 12.65
CA ILE B 17 20.74 3.21 12.78
C ILE B 17 20.13 3.47 11.39
N HIS B 18 19.41 2.49 10.88
CA HIS B 18 18.88 2.58 9.53
C HIS B 18 17.49 3.20 9.53
N GLY B 19 17.16 3.88 8.44
CA GLY B 19 15.80 4.28 8.16
C GLY B 19 15.24 3.55 6.94
N ASP B 20 16.13 2.91 6.18
CA ASP B 20 15.71 2.22 4.97
C ASP B 20 14.92 0.96 5.29
N CYS B 21 14.23 0.44 4.29
CA CYS B 21 13.37 -0.72 4.45
C CYS B 21 13.41 -1.60 3.21
N GLU B 22 13.12 -2.88 3.39
CA GLU B 22 13.07 -3.78 2.25
C GLU B 22 11.98 -4.83 2.44
N ALA B 23 11.56 -5.39 1.32
CA ALA B 23 10.42 -6.31 1.29
C ALA B 23 10.85 -7.60 0.63
N TYR B 24 10.35 -8.70 1.17
CA TYR B 24 10.71 -10.02 0.72
C TYR B 24 9.50 -10.65 0.06
N ASP B 25 9.70 -11.13 -1.16
CA ASP B 25 8.70 -11.82 -1.94
C ASP B 25 8.97 -13.30 -1.77
N THR B 26 8.06 -13.94 -1.05
CA THR B 26 8.18 -15.36 -0.73
C THR B 26 8.03 -16.21 -1.98
N ARG B 27 7.23 -15.75 -2.95
CA ARG B 27 7.08 -16.52 -4.18
C ARG B 27 8.41 -16.62 -4.92
N THR B 28 9.15 -15.52 -5.01
CA THR B 28 10.39 -15.49 -5.74
C THR B 28 11.64 -15.55 -4.87
N ASP B 29 11.49 -15.67 -3.55
CA ASP B 29 12.64 -15.66 -2.64
C ASP B 29 13.54 -14.46 -2.94
N ARG B 30 12.93 -13.28 -3.07
CA ARG B 30 13.69 -12.11 -3.52
C ARG B 30 13.42 -10.90 -2.64
N TRP B 31 14.45 -10.08 -2.44
CA TRP B 31 14.27 -8.83 -1.73
C TRP B 31 14.18 -7.66 -2.70
N HIS B 32 13.46 -6.63 -2.28
CA HIS B 32 13.22 -5.43 -3.07
C HIS B 32 13.32 -4.24 -2.12
N VAL B 33 14.02 -3.20 -2.55
CA VAL B 33 14.15 -2.02 -1.71
C VAL B 33 12.83 -1.26 -1.74
N VAL B 34 12.35 -0.82 -0.58
CA VAL B 34 11.12 -0.06 -0.55
C VAL B 34 11.40 1.31 0.06
N ALA B 35 10.36 2.13 0.17
CA ALA B 35 10.53 3.49 0.64
C ALA B 35 11.13 3.49 2.05
N SER B 36 12.06 4.40 2.28
CA SER B 36 12.61 4.57 3.61
C SER B 36 11.68 5.43 4.46
N MET B 37 11.76 5.22 5.78
CA MET B 37 11.03 6.01 6.75
C MET B 37 11.60 7.42 6.81
N SER B 38 10.82 8.34 7.36
CA SER B 38 11.32 9.69 7.60
C SER B 38 12.35 9.70 8.73
N THR B 39 12.21 8.80 9.70
CA THR B 39 13.07 8.73 10.86
C THR B 39 13.89 7.44 10.82
N ARG B 40 15.16 7.53 11.21
CA ARG B 40 15.92 6.35 11.55
C ARG B 40 15.35 5.72 12.81
N ARG B 41 15.09 4.41 12.76
CA ARG B 41 14.48 3.72 13.90
C ARG B 41 15.08 2.32 14.05
N ALA B 42 15.75 2.09 15.17
CA ALA B 42 16.08 0.76 15.66
C ALA B 42 15.29 0.49 16.94
N ARG B 43 15.17 -0.79 17.29
CA ARG B 43 14.37 -1.17 18.46
C ARG B 43 12.95 -0.64 18.33
N VAL B 44 12.41 -0.74 17.13
CA VAL B 44 11.11 -0.19 16.77
C VAL B 44 10.07 -1.31 16.76
N GLY B 45 8.83 -0.96 17.11
CA GLY B 45 7.73 -1.88 16.97
C GLY B 45 7.14 -1.74 15.59
N VAL B 46 6.96 -2.86 14.89
CA VAL B 46 6.40 -2.83 13.55
C VAL B 46 5.24 -3.81 13.50
N ALA B 47 4.06 -3.32 13.12
CA ALA B 47 2.89 -4.19 13.02
C ALA B 47 2.04 -3.82 11.82
N ALA B 48 1.34 -4.82 11.28
CA ALA B 48 0.45 -4.63 10.15
C ALA B 48 -0.98 -4.46 10.66
N VAL B 49 -1.63 -3.39 10.24
CA VAL B 49 -3.01 -3.10 10.64
C VAL B 49 -3.79 -2.73 9.40
N GLY B 50 -4.85 -3.46 9.13
CA GLY B 50 -5.55 -3.25 7.88
C GLY B 50 -4.56 -3.43 6.74
N ASN B 51 -4.51 -2.44 5.85
CA ASN B 51 -3.60 -2.50 4.72
C ASN B 51 -2.23 -1.90 5.02
N ARG B 52 -2.07 -1.22 6.15
CA ARG B 52 -0.93 -0.33 6.36
C ARG B 52 0.08 -0.91 7.35
N LEU B 53 1.35 -0.58 7.13
CA LEU B 53 2.39 -0.90 8.09
C LEU B 53 2.52 0.25 9.09
N TYR B 54 2.73 -0.09 10.35
CA TYR B 54 2.96 0.93 11.37
C TYR B 54 4.30 0.69 12.04
N ALA B 55 5.17 1.70 11.98
CA ALA B 55 6.41 1.74 12.73
C ALA B 55 6.20 2.67 13.92
N VAL B 56 6.27 2.09 15.11
CA VAL B 56 5.87 2.70 16.36
C VAL B 56 7.11 2.83 17.23
N GLY B 57 7.36 4.05 17.71
CA GLY B 57 8.43 4.27 18.67
C GLY B 57 9.78 3.95 18.07
N GLY B 58 10.63 3.33 18.88
CA GLY B 58 11.98 3.03 18.46
C GLY B 58 13.00 4.00 19.02
N TYR B 59 14.20 3.88 18.47
CA TYR B 59 15.35 4.65 18.90
C TYR B 59 16.08 5.14 17.66
N ASP B 60 16.30 6.46 17.57
CA ASP B 60 16.88 7.02 16.37
C ASP B 60 18.37 7.35 16.53
N GLY B 61 19.04 6.73 17.49
CA GLY B 61 20.43 7.00 17.73
C GLY B 61 20.70 8.08 18.75
N THR B 62 19.71 8.91 19.05
CA THR B 62 19.81 9.92 20.10
C THR B 62 18.71 9.80 21.13
N SER B 63 17.47 9.62 20.69
CA SER B 63 16.32 9.65 21.57
C SER B 63 15.52 8.37 21.42
N ASP B 64 14.77 8.05 22.46
CA ASP B 64 13.71 7.05 22.40
C ASP B 64 12.47 7.75 21.89
N LEU B 65 11.87 7.21 20.84
CA LEU B 65 10.85 7.96 20.11
C LEU B 65 9.44 7.65 20.61
N ALA B 66 8.60 8.67 20.58
CA ALA B 66 7.16 8.50 20.69
C ALA B 66 6.46 8.61 19.34
N THR B 67 7.15 9.10 18.31
CA THR B 67 6.51 9.32 17.02
C THR B 67 6.23 7.99 16.34
N VAL B 68 5.27 8.01 15.43
CA VAL B 68 4.84 6.85 14.68
C VAL B 68 4.69 7.24 13.23
N GLU B 69 4.93 6.28 12.33
CA GLU B 69 4.62 6.51 10.92
C GLU B 69 4.06 5.24 10.29
N SER B 70 3.51 5.42 9.10
CA SER B 70 2.68 4.44 8.43
C SER B 70 3.15 4.25 7.00
N TYR B 71 3.05 3.03 6.51
CA TYR B 71 3.48 2.65 5.17
C TYR B 71 2.29 2.21 4.34
N ASP B 72 2.16 2.83 3.15
CA ASP B 72 1.23 2.44 2.10
C ASP B 72 2.00 1.74 1.00
N PRO B 73 1.75 0.44 0.76
CA PRO B 73 2.43 -0.27 -0.34
C PRO B 73 1.88 0.07 -1.71
N VAL B 74 0.64 0.52 -1.81
CA VAL B 74 0.09 0.91 -3.11
C VAL B 74 0.91 2.06 -3.69
N THR B 75 1.19 3.07 -2.86
CA THR B 75 1.99 4.22 -3.27
C THR B 75 3.44 4.10 -2.87
N ASN B 76 3.81 3.07 -2.12
CA ASN B 76 5.19 2.91 -1.64
C ASN B 76 5.67 4.17 -0.93
N THR B 77 4.97 4.54 0.15
CA THR B 77 5.38 5.75 0.85
C THR B 77 5.06 5.64 2.33
N TRP B 78 5.75 6.47 3.12
CA TRP B 78 5.51 6.61 4.54
C TRP B 78 4.88 7.97 4.83
N GLN B 79 4.17 8.03 5.95
CA GLN B 79 3.54 9.26 6.39
C GLN B 79 3.51 9.25 7.91
N PRO B 80 3.44 10.38 8.54
CA PRO B 80 3.43 10.39 9.98
C PRO B 80 2.10 10.01 10.56
N GLU B 81 2.02 9.82 11.85
CA GLU B 81 0.82 9.51 12.56
C GLU B 81 0.95 10.08 13.96
N VAL B 82 -0.09 9.95 14.76
CA VAL B 82 -0.08 10.53 16.09
C VAL B 82 0.84 9.82 16.96
N SER B 83 1.57 10.55 17.75
CA SER B 83 2.51 9.95 18.63
C SER B 83 1.95 9.39 19.88
N MET B 84 2.61 8.39 20.39
CA MET B 84 2.13 7.76 21.61
C MET B 84 2.21 8.72 22.79
N GLY B 85 1.51 8.35 23.87
CA GLY B 85 1.61 9.10 25.10
C GLY B 85 2.98 9.00 25.75
N THR B 86 3.69 7.90 25.52
CA THR B 86 5.02 7.69 26.07
C THR B 86 6.01 7.44 24.95
N ARG B 87 7.26 7.87 25.18
CA ARG B 87 8.35 7.40 24.35
C ARG B 87 8.62 5.94 24.67
N ARG B 88 8.75 5.11 23.63
CA ARG B 88 8.94 3.68 23.82
C ARG B 88 9.91 3.16 22.76
N SER B 89 11.09 2.77 23.20
CA SER B 89 11.94 1.90 22.42
C SER B 89 11.85 0.51 23.01
N CYS B 90 12.29 -0.49 22.24
CA CYS B 90 12.36 -1.84 22.76
C CYS B 90 10.98 -2.34 23.19
N LEU B 91 9.94 -1.88 22.51
CA LEU B 91 8.56 -2.17 22.86
C LEU B 91 8.03 -3.35 22.05
N GLY B 92 6.85 -3.83 22.45
CA GLY B 92 6.11 -4.82 21.71
C GLY B 92 4.89 -4.19 21.04
N VAL B 93 4.54 -4.69 19.86
CA VAL B 93 3.49 -4.09 19.06
C VAL B 93 2.70 -5.17 18.34
N ALA B 94 1.37 -5.11 18.42
CA ALA B 94 0.55 -6.08 17.71
C ALA B 94 -0.82 -5.48 17.42
N ALA B 95 -1.50 -6.03 16.42
CA ALA B 95 -2.85 -5.60 16.07
C ALA B 95 -3.86 -6.60 16.60
N LEU B 96 -4.90 -6.09 17.25
CA LEU B 96 -5.90 -6.92 17.92
C LEU B 96 -7.27 -6.28 17.71
N HIS B 97 -8.18 -7.05 17.09
CA HIS B 97 -9.49 -6.55 16.71
C HIS B 97 -9.41 -5.18 16.05
N GLY B 98 -8.42 -4.97 15.19
CA GLY B 98 -8.33 -3.75 14.43
C GLY B 98 -7.65 -2.59 15.13
N LEU B 99 -7.25 -2.75 16.38
CA LEU B 99 -6.56 -1.70 17.12
C LEU B 99 -5.10 -2.08 17.27
N LEU B 100 -4.23 -1.09 17.31
CA LEU B 100 -2.78 -1.33 17.36
C LEU B 100 -2.28 -1.10 18.78
N TYR B 101 -1.82 -2.16 19.43
CA TYR B 101 -1.34 -2.10 20.80
C TYR B 101 0.17 -1.99 20.86
N SER B 102 0.64 -1.09 21.72
CA SER B 102 2.04 -0.92 22.12
C SER B 102 2.16 -1.23 23.60
N ALA B 103 3.05 -2.15 23.94
CA ALA B 103 3.24 -2.61 25.33
C ALA B 103 4.71 -2.56 25.71
N GLY B 104 4.96 -2.24 26.98
CA GLY B 104 6.31 -2.28 27.49
C GLY B 104 7.24 -1.32 26.79
N GLY B 105 8.51 -1.67 26.76
CA GLY B 105 9.52 -0.82 26.16
C GLY B 105 10.32 -0.06 27.20
N TYR B 106 11.01 0.95 26.71
CA TYR B 106 11.89 1.79 27.52
C TYR B 106 11.67 3.24 27.10
N ASP B 107 11.43 4.13 28.06
CA ASP B 107 11.10 5.51 27.75
C ASP B 107 12.28 6.46 27.93
N GLY B 108 13.49 5.93 28.12
CA GLY B 108 14.66 6.76 28.32
C GLY B 108 15.15 6.78 29.75
N ALA B 109 14.31 6.38 30.72
CA ALA B 109 14.73 6.31 32.11
C ALA B 109 14.35 4.97 32.74
N SER B 110 13.09 4.57 32.62
CA SER B 110 12.61 3.34 33.24
C SER B 110 12.13 2.35 32.18
N CYS B 111 12.14 1.08 32.57
CA CYS B 111 11.49 0.02 31.80
C CYS B 111 9.99 0.06 32.02
N LEU B 112 9.23 0.02 30.95
CA LEU B 112 7.80 0.26 31.03
C LEU B 112 7.01 -1.04 31.21
N ASN B 113 5.97 -0.96 32.03
CA ASN B 113 4.94 -1.98 32.11
C ASN B 113 3.61 -1.49 31.55
N SER B 114 3.55 -0.24 31.11
CA SER B 114 2.33 0.35 30.61
C SER B 114 2.06 -0.14 29.19
N ALA B 115 0.83 0.12 28.73
CA ALA B 115 0.41 -0.26 27.40
C ALA B 115 -0.66 0.70 26.92
N GLU B 116 -0.75 0.86 25.59
CA GLU B 116 -1.75 1.72 24.99
C GLU B 116 -2.10 1.19 23.61
N ARG B 117 -3.19 1.71 23.05
CA ARG B 117 -3.69 1.23 21.77
C ARG B 117 -4.12 2.40 20.89
N TYR B 118 -3.97 2.20 19.59
CA TYR B 118 -4.24 3.22 18.58
C TYR B 118 -5.44 2.77 17.76
N ASP B 119 -6.41 3.67 17.60
CA ASP B 119 -7.50 3.41 16.67
C ASP B 119 -7.23 4.18 15.39
N PRO B 120 -6.88 3.49 14.30
CA PRO B 120 -6.58 4.23 13.07
C PRO B 120 -7.80 4.96 12.51
N LEU B 121 -9.00 4.45 12.79
CA LEU B 121 -10.20 5.18 12.43
C LEU B 121 -10.23 6.54 13.11
N THR B 122 -10.01 6.57 14.43
CA THR B 122 -10.01 7.82 15.19
C THR B 122 -8.64 8.47 15.29
N GLY B 123 -7.57 7.74 14.95
CA GLY B 123 -6.23 8.32 15.03
C GLY B 123 -5.86 8.78 16.42
N THR B 124 -6.22 8.00 17.44
CA THR B 124 -6.02 8.40 18.83
C THR B 124 -5.49 7.20 19.61
N TRP B 125 -4.64 7.52 20.58
CA TRP B 125 -4.01 6.56 21.48
C TRP B 125 -4.75 6.59 22.82
N THR B 126 -5.07 5.42 23.34
CA THR B 126 -5.71 5.28 24.64
C THR B 126 -4.86 4.37 25.51
N SER B 127 -4.62 4.77 26.75
CA SER B 127 -3.96 3.87 27.68
C SER B 127 -4.83 2.65 27.94
N VAL B 128 -4.20 1.57 28.35
CA VAL B 128 -4.89 0.36 28.78
C VAL B 128 -4.24 -0.12 30.07
N ALA B 129 -4.91 -1.08 30.72
CA ALA B 129 -4.37 -1.66 31.94
C ALA B 129 -2.89 -2.00 31.75
N ALA B 130 -2.09 -1.67 32.75
CA ALA B 130 -0.67 -1.95 32.68
C ALA B 130 -0.41 -3.43 32.94
N MET B 131 0.71 -3.92 32.43
CA MET B 131 1.12 -5.28 32.71
C MET B 131 1.52 -5.44 34.18
N SER B 132 1.49 -6.69 34.65
CA SER B 132 1.97 -6.97 36.00
C SER B 132 3.48 -6.77 36.11
N THR B 133 4.19 -6.77 34.99
CA THR B 133 5.64 -6.75 35.00
C THR B 133 6.16 -5.64 34.09
N ARG B 134 7.19 -4.93 34.53
CA ARG B 134 7.95 -4.09 33.62
C ARG B 134 8.70 -4.95 32.62
N ARG B 135 8.54 -4.64 31.32
CA ARG B 135 9.05 -5.50 30.25
C ARG B 135 9.72 -4.65 29.16
N ARG B 136 10.98 -4.31 29.38
CA ARG B 136 11.79 -3.80 28.29
C ARG B 136 12.19 -4.94 27.37
N TYR B 137 12.32 -4.62 26.08
CA TYR B 137 12.65 -5.61 25.04
C TYR B 137 11.58 -6.68 24.90
N VAL B 138 10.33 -6.33 25.15
CA VAL B 138 9.23 -7.29 25.12
C VAL B 138 8.73 -7.44 23.69
N ARG B 139 8.17 -8.62 23.40
CA ARG B 139 7.44 -8.86 22.16
C ARG B 139 5.99 -9.19 22.50
N VAL B 140 5.11 -8.88 21.56
CA VAL B 140 3.67 -9.04 21.75
C VAL B 140 3.10 -9.69 20.51
N ALA B 141 2.21 -10.66 20.70
CA ALA B 141 1.57 -11.35 19.59
C ALA B 141 0.13 -11.69 19.95
N THR B 142 -0.74 -11.71 18.95
CA THR B 142 -2.15 -12.01 19.17
C THR B 142 -2.42 -13.50 18.96
N LEU B 143 -3.07 -14.12 19.94
CA LEU B 143 -3.50 -15.50 19.85
C LEU B 143 -4.88 -15.64 20.45
N ASP B 144 -5.81 -16.20 19.68
CA ASP B 144 -7.15 -16.46 20.17
C ASP B 144 -7.75 -15.25 20.85
N GLY B 145 -7.64 -14.10 20.19
CA GLY B 145 -8.26 -12.89 20.68
C GLY B 145 -7.64 -12.31 21.93
N ASN B 146 -6.47 -12.80 22.33
CA ASN B 146 -5.76 -12.26 23.48
C ASN B 146 -4.41 -11.75 23.03
N LEU B 147 -3.92 -10.73 23.74
CA LEU B 147 -2.57 -10.23 23.50
C LEU B 147 -1.60 -10.97 24.41
N TYR B 148 -0.51 -11.49 23.87
CA TYR B 148 0.50 -12.15 24.70
C TYR B 148 1.77 -11.31 24.69
N ALA B 149 2.18 -10.91 25.89
CA ALA B 149 3.46 -10.23 26.11
C ALA B 149 4.45 -11.26 26.64
N VAL B 150 5.57 -11.40 25.93
CA VAL B 150 6.47 -12.54 26.08
C VAL B 150 7.82 -12.04 26.54
N GLY B 151 8.30 -12.58 27.65
CA GLY B 151 9.65 -12.30 28.13
C GLY B 151 9.88 -10.83 28.35
N GLY B 152 11.13 -10.42 28.14
CA GLY B 152 11.57 -9.06 28.34
C GLY B 152 12.54 -8.92 29.49
N TYR B 153 12.64 -7.69 29.99
CA TYR B 153 13.60 -7.33 31.04
C TYR B 153 12.94 -6.29 31.95
N ASP B 154 12.67 -6.66 33.20
CA ASP B 154 12.36 -5.62 34.18
C ASP B 154 13.64 -4.88 34.50
N SER B 155 13.60 -3.96 35.45
CA SER B 155 14.79 -3.13 35.62
C SER B 155 16.07 -3.94 35.90
N SER B 156 15.98 -5.24 36.20
CA SER B 156 17.14 -5.99 36.70
C SER B 156 17.25 -7.44 36.24
N SER B 157 16.16 -8.13 35.88
CA SER B 157 16.21 -9.52 35.46
C SER B 157 15.68 -9.69 34.04
N HIS B 158 16.23 -10.67 33.34
CA HIS B 158 15.64 -11.13 32.09
C HIS B 158 14.55 -12.14 32.38
N LEU B 159 13.42 -12.00 31.69
CA LEU B 159 12.19 -12.67 32.06
C LEU B 159 11.94 -13.91 31.22
N ALA B 160 11.48 -14.96 31.89
CA ALA B 160 10.85 -16.11 31.25
C ALA B 160 9.34 -16.07 31.36
N THR B 161 8.78 -15.06 32.04
CA THR B 161 7.37 -14.98 32.33
C THR B 161 6.59 -14.40 31.13
N VAL B 162 5.29 -14.74 31.08
CA VAL B 162 4.40 -14.31 30.01
C VAL B 162 3.07 -13.83 30.59
N GLU B 163 2.50 -12.81 29.93
CA GLU B 163 1.19 -12.30 30.28
C GLU B 163 0.28 -12.31 29.06
N LYS B 164 -1.03 -12.29 29.30
CA LYS B 164 -2.00 -12.16 28.23
C LYS B 164 -3.07 -11.14 28.61
N TYR B 165 -3.39 -10.27 27.67
CA TYR B 165 -4.38 -9.21 27.83
C TYR B 165 -5.70 -9.61 27.17
N GLU B 166 -6.75 -9.70 27.99
CA GLU B 166 -8.12 -9.83 27.50
C GLU B 166 -8.72 -8.43 27.38
N PRO B 167 -9.08 -7.99 26.17
CA PRO B 167 -9.57 -6.61 26.02
C PRO B 167 -11.05 -6.41 26.30
N GLN B 168 -11.90 -7.43 26.21
CA GLN B 168 -13.29 -7.23 26.57
C GLN B 168 -13.41 -6.73 28.01
N VAL B 169 -12.56 -7.24 28.90
CA VAL B 169 -12.56 -6.84 30.30
C VAL B 169 -11.38 -5.96 30.66
N ASN B 170 -10.40 -5.82 29.77
CA ASN B 170 -9.24 -4.95 30.00
C ASN B 170 -8.39 -5.46 31.16
N VAL B 171 -7.92 -6.71 31.09
CA VAL B 171 -7.18 -7.29 32.20
C VAL B 171 -6.05 -8.16 31.67
N TRP B 172 -4.87 -8.01 32.27
CA TRP B 172 -3.75 -8.93 32.03
C TRP B 172 -3.86 -10.09 33.01
N SER B 173 -3.46 -11.28 32.53
CA SER B 173 -3.50 -12.52 33.30
C SER B 173 -2.18 -13.23 33.10
N PRO B 174 -1.67 -13.89 34.14
CA PRO B 174 -0.42 -14.64 33.98
C PRO B 174 -0.63 -15.85 33.07
N VAL B 175 0.43 -16.21 32.35
CA VAL B 175 0.47 -17.38 31.49
C VAL B 175 1.63 -18.24 31.94
N ALA B 176 1.55 -19.53 31.67
CA ALA B 176 2.68 -20.41 31.94
C ALA B 176 3.96 -19.77 31.41
N SER B 177 5.01 -19.81 32.23
CA SER B 177 6.27 -19.18 31.87
C SER B 177 7.06 -20.05 30.90
N MET B 178 7.85 -19.40 30.05
CA MET B 178 8.63 -20.12 29.06
C MET B 178 9.68 -21.00 29.71
N LEU B 179 10.22 -21.93 28.93
CA LEU B 179 11.30 -22.78 29.38
C LEU B 179 12.64 -22.03 29.47
N SER B 180 12.75 -20.86 28.85
CA SER B 180 13.97 -20.08 28.86
C SER B 180 13.65 -18.63 29.22
N ARG B 181 14.61 -17.96 29.85
CA ARG B 181 14.52 -16.51 29.97
C ARG B 181 14.90 -15.89 28.63
N ARG B 182 14.08 -14.95 28.17
CA ARG B 182 14.32 -14.36 26.86
C ARG B 182 13.91 -12.91 26.89
N SER B 183 14.83 -12.04 26.50
CA SER B 183 14.49 -10.70 26.08
C SER B 183 14.92 -10.55 24.62
N SER B 184 14.28 -9.62 23.91
CA SER B 184 14.57 -9.39 22.50
C SER B 184 14.45 -10.67 21.67
N ALA B 185 13.49 -11.53 22.03
CA ALA B 185 13.19 -12.73 21.26
C ALA B 185 12.28 -12.40 20.08
N GLY B 186 12.14 -13.37 19.17
CA GLY B 186 11.14 -13.31 18.13
C GLY B 186 9.90 -14.09 18.57
N VAL B 187 8.73 -13.49 18.35
CA VAL B 187 7.48 -14.11 18.75
C VAL B 187 6.53 -14.03 17.57
N ALA B 188 5.82 -15.13 17.32
CA ALA B 188 4.87 -15.16 16.21
C ALA B 188 3.86 -16.26 16.46
N VAL B 189 2.68 -16.13 15.86
CA VAL B 189 1.61 -17.11 15.99
C VAL B 189 1.51 -17.90 14.70
N LEU B 190 1.47 -19.23 14.83
CA LEU B 190 1.41 -20.11 13.68
C LEU B 190 0.50 -21.28 14.02
N GLU B 191 -0.57 -21.43 13.24
CA GLU B 191 -1.47 -22.56 13.38
C GLU B 191 -1.91 -22.80 14.81
N GLY B 192 -2.31 -21.71 15.47
CA GLY B 192 -2.83 -21.76 16.82
C GLY B 192 -1.80 -21.96 17.91
N ALA B 193 -0.51 -21.83 17.61
CA ALA B 193 0.53 -21.95 18.63
C ALA B 193 1.41 -20.70 18.62
N LEU B 194 1.91 -20.33 19.80
CA LEU B 194 2.73 -19.15 19.98
C LEU B 194 4.20 -19.56 20.02
N TYR B 195 4.95 -19.20 18.98
CA TYR B 195 6.36 -19.53 18.86
C TYR B 195 7.22 -18.39 19.37
N VAL B 196 8.24 -18.74 20.14
CA VAL B 196 9.26 -17.83 20.62
C VAL B 196 10.62 -18.40 20.23
N ALA B 197 11.37 -17.63 19.46
CA ALA B 197 12.64 -18.09 18.92
C ALA B 197 13.74 -17.13 19.34
N GLY B 198 14.89 -17.69 19.72
CA GLY B 198 16.05 -16.88 20.07
C GLY B 198 15.82 -15.99 21.27
N GLY B 199 16.51 -14.86 21.27
CA GLY B 199 16.51 -13.91 22.37
C GLY B 199 17.81 -13.93 23.15
N ASN B 200 17.86 -13.08 24.17
CA ASN B 200 18.97 -13.01 25.10
C ASN B 200 18.46 -13.41 26.48
N ASP B 201 19.20 -14.30 27.13
CA ASP B 201 18.82 -14.81 28.44
C ASP B 201 19.60 -14.16 29.58
N GLY B 202 20.30 -13.08 29.28
CA GLY B 202 21.14 -12.40 30.24
C GLY B 202 22.61 -12.68 30.07
N THR B 203 22.95 -13.76 29.37
CA THR B 203 24.33 -14.13 29.14
C THR B 203 24.70 -14.16 27.66
N SER B 204 23.94 -14.88 26.84
CA SER B 204 24.24 -14.95 25.43
C SER B 204 22.95 -14.92 24.62
N CYS B 205 23.13 -14.81 23.31
CA CYS B 205 22.01 -14.93 22.38
C CYS B 205 21.65 -16.40 22.19
N LEU B 206 20.36 -16.66 22.05
CA LEU B 206 19.82 -18.01 21.95
C LEU B 206 19.49 -18.37 20.51
N ASN B 207 19.68 -19.65 20.18
CA ASN B 207 19.13 -20.22 18.96
C ASN B 207 17.95 -21.15 19.24
N SER B 208 17.58 -21.33 20.52
CA SER B 208 16.50 -22.23 20.87
C SER B 208 15.15 -21.64 20.50
N VAL B 209 14.16 -22.52 20.35
CA VAL B 209 12.80 -22.15 19.94
C VAL B 209 11.82 -22.97 20.76
N GLU B 210 10.80 -22.33 21.30
CA GLU B 210 9.73 -23.03 21.98
C GLU B 210 8.38 -22.52 21.50
N ARG B 211 7.33 -23.25 21.85
CA ARG B 211 5.98 -22.89 21.45
C ARG B 211 5.00 -23.24 22.54
N TYR B 212 3.97 -22.40 22.66
CA TYR B 212 2.94 -22.51 23.67
C TYR B 212 1.60 -22.73 22.99
N SER B 213 0.91 -23.77 23.40
CA SER B 213 -0.46 -24.01 22.99
C SER B 213 -1.39 -23.68 24.14
N PRO B 214 -2.39 -22.81 23.94
CA PRO B 214 -3.33 -22.56 25.04
C PRO B 214 -4.10 -23.79 25.42
N LYS B 215 -4.33 -24.70 24.48
CA LYS B 215 -5.01 -25.96 24.81
C LYS B 215 -4.20 -26.76 25.82
N ALA B 216 -2.88 -26.81 25.65
CA ALA B 216 -2.04 -27.52 26.60
C ALA B 216 -1.68 -26.67 27.81
N GLY B 217 -1.68 -25.35 27.67
CA GLY B 217 -1.24 -24.47 28.75
C GLY B 217 0.17 -24.75 29.18
N ALA B 218 1.01 -25.26 28.26
CA ALA B 218 2.37 -25.65 28.54
C ALA B 218 3.24 -25.28 27.34
N TRP B 219 4.52 -25.04 27.63
CA TRP B 219 5.52 -24.69 26.63
C TRP B 219 6.29 -25.93 26.20
N GLU B 220 6.72 -25.94 24.94
CA GLU B 220 7.39 -27.11 24.38
C GLU B 220 8.52 -26.68 23.46
N SER B 221 9.66 -27.37 23.58
CA SER B 221 10.80 -27.07 22.72
C SER B 221 10.56 -27.58 21.30
N VAL B 222 11.17 -26.90 20.35
CA VAL B 222 11.14 -27.27 18.94
C VAL B 222 12.54 -27.07 18.40
N ALA B 223 12.80 -27.60 17.22
CA ALA B 223 14.12 -27.48 16.63
C ALA B 223 14.65 -26.06 16.77
N PRO B 224 15.92 -25.88 17.12
CA PRO B 224 16.49 -24.53 17.20
C PRO B 224 16.90 -23.98 15.85
N MET B 225 17.05 -22.65 15.81
CA MET B 225 17.54 -21.99 14.61
C MET B 225 18.99 -22.37 14.35
N ASN B 226 19.43 -22.14 13.11
CA ASN B 226 20.82 -22.36 12.74
C ASN B 226 21.73 -21.27 13.26
N ILE B 227 21.19 -20.08 13.52
CA ILE B 227 21.96 -18.94 14.00
C ILE B 227 21.37 -18.47 15.31
N ARG B 228 22.23 -18.16 16.29
CA ARG B 228 21.77 -17.45 17.47
C ARG B 228 21.29 -16.08 17.04
N ARG B 229 20.14 -15.65 17.54
CA ARG B 229 19.58 -14.39 17.09
C ARG B 229 19.02 -13.65 18.30
N SER B 230 19.37 -12.37 18.41
CA SER B 230 18.77 -11.45 19.36
C SER B 230 18.35 -10.18 18.64
N THR B 231 17.28 -9.56 19.13
CA THR B 231 16.71 -8.34 18.54
C THR B 231 16.25 -8.59 17.10
N HIS B 232 16.34 -9.84 16.66
CA HIS B 232 15.75 -10.25 15.40
C HIS B 232 14.23 -10.18 15.50
N ASP B 233 13.54 -10.55 14.43
CA ASP B 233 12.10 -10.67 14.55
C ASP B 233 11.65 -11.99 13.95
N LEU B 234 10.46 -12.41 14.35
CA LEU B 234 9.82 -13.63 13.91
C LEU B 234 8.48 -13.28 13.32
N VAL B 235 8.12 -13.95 12.22
CA VAL B 235 6.84 -13.66 11.59
C VAL B 235 6.31 -14.95 10.95
N ALA B 236 4.99 -15.05 10.86
CA ALA B 236 4.35 -16.24 10.28
C ALA B 236 3.87 -15.95 8.87
N MET B 237 4.22 -16.83 7.93
CA MET B 237 3.99 -16.57 6.51
C MET B 237 3.57 -17.87 5.83
N ASP B 238 2.29 -17.96 5.50
CA ASP B 238 1.72 -19.04 4.68
C ASP B 238 2.28 -20.38 5.13
N GLY B 239 2.17 -20.64 6.43
CA GLY B 239 2.50 -21.92 7.01
C GLY B 239 3.92 -22.08 7.50
N TRP B 240 4.80 -21.12 7.24
CA TRP B 240 6.18 -21.19 7.71
C TRP B 240 6.43 -20.11 8.75
N LEU B 241 7.52 -20.30 9.48
CA LEU B 241 8.07 -19.25 10.32
C LEU B 241 9.25 -18.61 9.62
N TYR B 242 9.38 -17.30 9.72
CA TYR B 242 10.53 -16.59 9.21
C TYR B 242 11.18 -15.82 10.35
N ALA B 243 12.44 -16.15 10.63
CA ALA B 243 13.29 -15.39 11.55
C ALA B 243 14.18 -14.49 10.71
N VAL B 244 14.05 -13.18 10.92
CA VAL B 244 14.64 -12.16 10.07
C VAL B 244 15.60 -11.32 10.89
N GLY B 245 16.82 -11.17 10.40
CA GLY B 245 17.83 -10.25 10.90
C GLY B 245 18.25 -10.53 12.33
N GLY B 246 18.55 -9.45 13.04
CA GLY B 246 18.98 -9.54 14.42
C GLY B 246 20.49 -9.50 14.55
N ASN B 247 20.95 -10.06 15.68
CA ASN B 247 22.37 -10.11 16.01
C ASN B 247 22.66 -11.46 16.65
N ASP B 248 23.76 -12.08 16.25
CA ASP B 248 24.19 -13.34 16.85
C ASP B 248 25.07 -13.13 18.08
N GLY B 249 25.13 -11.91 18.60
CA GLY B 249 25.99 -11.60 19.71
C GLY B 249 27.26 -10.90 19.30
N SER B 250 27.63 -11.04 18.03
CA SER B 250 28.79 -10.38 17.46
C SER B 250 28.42 -9.51 16.26
N SER B 251 27.92 -10.13 15.19
CA SER B 251 27.62 -9.44 13.94
C SER B 251 26.13 -9.17 13.81
N SER B 252 25.79 -7.95 13.39
CA SER B 252 24.45 -7.70 12.87
C SER B 252 24.21 -8.59 11.66
N LEU B 253 23.06 -9.26 11.65
CA LEU B 253 22.77 -10.29 10.66
C LEU B 253 21.93 -9.72 9.52
N ASN B 254 22.26 -10.08 8.29
CA ASN B 254 21.33 -9.90 7.20
C ASN B 254 20.64 -11.20 6.81
N SER B 255 20.86 -12.25 7.59
CA SER B 255 20.37 -13.58 7.23
C SER B 255 18.92 -13.74 7.66
N ILE B 256 18.26 -14.70 6.99
CA ILE B 256 16.86 -15.05 7.20
C ILE B 256 16.76 -16.57 7.17
N GLU B 257 15.98 -17.14 8.08
CA GLU B 257 15.74 -18.58 8.01
C GLU B 257 14.27 -18.88 8.25
N LYS B 258 13.83 -20.02 7.77
CA LYS B 258 12.42 -20.36 7.80
C LYS B 258 12.22 -21.76 8.38
N TYR B 259 11.11 -21.89 9.08
CA TYR B 259 10.79 -23.05 9.90
C TYR B 259 9.56 -23.73 9.32
N ASN B 260 9.71 -25.01 8.96
CA ASN B 260 8.61 -25.86 8.57
C ASN B 260 8.21 -26.65 9.80
N PRO B 261 7.00 -26.40 10.35
CA PRO B 261 6.57 -27.14 11.55
C PRO B 261 6.18 -28.57 11.28
N ARG B 262 5.92 -28.93 10.03
CA ARG B 262 5.57 -30.31 9.71
C ARG B 262 6.80 -31.20 9.61
N THR B 263 7.94 -30.62 9.26
CA THR B 263 9.22 -31.32 9.26
C THR B 263 10.06 -30.96 10.47
N ASN B 264 9.60 -30.03 11.30
CA ASN B 264 10.36 -29.49 12.42
C ASN B 264 11.78 -29.11 11.99
N LYS B 265 11.86 -28.25 10.99
CA LYS B 265 13.18 -27.97 10.44
C LYS B 265 13.33 -26.51 10.05
N TRP B 266 14.57 -26.02 10.17
CA TRP B 266 14.94 -24.67 9.80
C TRP B 266 15.83 -24.73 8.57
N VAL B 267 15.60 -23.82 7.64
CA VAL B 267 16.34 -23.78 6.38
C VAL B 267 16.60 -22.33 6.01
N ALA B 268 17.79 -22.05 5.47
CA ALA B 268 18.12 -20.68 5.13
C ALA B 268 17.25 -20.16 4.00
N ALA B 269 17.14 -18.83 3.92
CA ALA B 269 16.49 -18.13 2.82
C ALA B 269 17.43 -17.04 2.34
N SER B 270 17.06 -16.36 1.25
CA SER B 270 17.91 -15.30 0.71
C SER B 270 18.07 -14.16 1.71
N CYS B 271 19.29 -13.66 1.84
CA CYS B 271 19.57 -12.66 2.85
C CYS B 271 19.23 -11.26 2.36
N MET B 272 18.98 -10.37 3.32
CA MET B 272 18.61 -9.00 2.99
C MET B 272 19.80 -8.24 2.40
N PHE B 273 19.49 -7.05 1.89
CA PHE B 273 20.54 -6.13 1.47
C PHE B 273 21.31 -5.63 2.69
N THR B 274 20.60 -5.22 3.72
CA THR B 274 21.20 -4.61 4.89
C THR B 274 21.27 -5.58 6.06
N ARG B 275 22.33 -5.45 6.86
CA ARG B 275 22.38 -6.10 8.17
C ARG B 275 21.63 -5.22 9.16
N ARG B 276 20.68 -5.81 9.86
CA ARG B 276 19.76 -5.02 10.68
C ARG B 276 19.58 -5.68 12.03
N SER B 277 20.18 -5.09 13.06
CA SER B 277 19.91 -5.44 14.44
C SER B 277 18.74 -4.60 14.94
N SER B 278 18.03 -5.13 15.94
CA SER B 278 16.85 -4.47 16.48
C SER B 278 15.94 -3.99 15.35
N VAL B 279 15.60 -4.91 14.47
CA VAL B 279 14.85 -4.60 13.26
C VAL B 279 13.38 -4.87 13.52
N GLY B 280 12.52 -4.09 12.88
CA GLY B 280 11.09 -4.36 12.89
C GLY B 280 10.70 -5.21 11.70
N VAL B 281 9.80 -6.16 11.91
CA VAL B 281 9.37 -7.04 10.83
C VAL B 281 7.86 -7.17 10.88
N ALA B 282 7.23 -7.20 9.70
CA ALA B 282 5.79 -7.40 9.63
C ALA B 282 5.43 -7.99 8.26
N VAL B 283 4.21 -8.51 8.16
CA VAL B 283 3.76 -9.15 6.92
C VAL B 283 2.52 -8.47 6.39
N LEU B 284 2.52 -8.20 5.09
CA LEU B 284 1.31 -7.74 4.40
C LEU B 284 0.85 -8.80 3.43
N GLU B 285 -0.44 -8.78 3.13
CA GLU B 285 -1.01 -9.61 2.08
C GLU B 285 -1.11 -8.74 0.83
N LEU B 286 -0.38 -9.12 -0.21
CA LEU B 286 -0.27 -8.29 -1.40
C LEU B 286 -0.40 -9.13 -2.66
N LEU B 287 -0.85 -8.48 -3.73
CA LEU B 287 -0.92 -9.05 -5.07
C LEU B 287 -0.66 -7.96 -6.10
S SO4 C . 3.98 26.08 -5.59
O1 SO4 C . 3.41 27.28 -5.00
O2 SO4 C . 5.30 25.83 -5.05
O3 SO4 C . 4.08 26.26 -7.05
O4 SO4 C . 3.12 24.94 -5.31
S SO4 D . -15.82 19.32 -33.00
O1 SO4 D . -14.40 19.48 -33.25
O2 SO4 D . -16.04 18.81 -31.64
O3 SO4 D . -16.34 18.35 -33.96
O4 SO4 D . -16.50 20.60 -33.17
S SO4 E . 7.79 3.65 -6.75
O1 SO4 E . 7.97 3.66 -5.29
O2 SO4 E . 9.02 3.21 -7.41
O3 SO4 E . 7.45 5.01 -7.17
O4 SO4 E . 6.71 2.74 -7.07
S SO4 F . 7.58 9.46 -4.96
O1 SO4 F . 9.02 9.67 -5.03
O2 SO4 F . 7.21 9.02 -3.61
O3 SO4 F . 7.18 8.44 -5.92
O4 SO4 F . 6.90 10.72 -5.24
CL CL G . -11.84 17.48 5.19
CL CL H . -28.61 -1.44 -21.27
CL CL I . -8.58 -11.06 -5.76
CL CL J . -4.76 15.35 3.29
CL CL K . -19.79 16.39 -23.91
CL CL L . -15.50 8.88 -20.32
CL CL M . -8.14 -5.73 -32.50
CL CL N . -2.58 6.76 -10.73
NA NA O . -2.67 27.29 -26.22
NA NA P . -24.00 -3.64 -20.42
NA NA Q . -22.45 26.72 -13.00
S SO4 R . 8.15 -1.37 40.32
O1 SO4 R . 6.83 -0.84 40.67
O2 SO4 R . 9.00 -1.33 41.50
O3 SO4 R . 8.75 -0.56 39.27
O4 SO4 R . 8.01 -2.74 39.84
S SO4 S . 19.81 5.09 6.36
O1 SO4 S . 20.03 4.01 7.32
O2 SO4 S . 21.10 5.68 6.01
O3 SO4 S . 18.93 6.11 6.93
O4 SO4 S . 19.16 4.55 5.16
S SO4 T . -2.61 -6.10 39.27
O1 SO4 T . -1.97 -7.40 39.55
O2 SO4 T . -2.32 -5.22 40.40
O3 SO4 T . -4.07 -6.25 39.20
O4 SO4 T . -2.00 -5.50 38.07
S SO4 U . 20.06 2.58 28.81
O1 SO4 U . 19.43 3.81 29.26
O2 SO4 U . 21.52 2.79 28.73
O3 SO4 U . 19.78 1.51 29.77
O4 SO4 U . 19.56 2.20 27.50
CL CL V . 14.86 -4.94 20.68
CL CL W . 18.53 -12.48 34.47
CL CL X . 27.53 -13.34 6.60
NA NA Y . -0.99 -28.08 32.37
C1 EDO Z . 25.00 -2.76 5.12
O1 EDO Z . 24.23 -3.21 6.24
C2 EDO Z . 25.57 -3.96 4.37
O2 EDO Z . 26.41 -4.73 5.25
H11 EDO Z . 24.38 -2.17 4.45
H12 EDO Z . 25.82 -2.13 5.48
HO1 EDO Z . 24.41 -2.66 7.00
H21 EDO Z . 24.75 -4.59 4.00
H22 EDO Z . 26.16 -3.62 3.51
HO2 EDO Z . 27.11 -5.14 4.74
#